data_5VPR
#
_entry.id   5VPR
#
_cell.length_a   84.180
_cell.length_b   82.040
_cell.length_c   70.120
_cell.angle_alpha   90.000
_cell.angle_beta   99.440
_cell.angle_gamma   90.000
#
_symmetry.space_group_name_H-M   'C 1 2 1'
#
loop_
_entity.id
_entity.type
_entity.pdbx_description
1 polymer 'Cysteine desulfurase'
2 water water
#
_entity_poly.entity_id   1
_entity_poly.type   'polypeptide(L)'
_entity_poly.pdbx_seq_one_letter_code
;MAHHHHHHMFDIQEIRSQFPILQEKVNGKDLVYLDNAATSQKPKMVLDAINNYYEHYNANVHRGIHTLSQVATEMMEDAR
KKVQRFINAKHDYEVLFTKGTTEGINLVAYAMTDLIKKDDEIIISYLEHHSNIVPWQMLCQRTGAKLRVIPMNEDGTLQI
DVLDEWLSEKTKLVSVNQVSNALGIVNPIDEIIRKVRAKSNAFIFIDGAQAAPHFEIDVQTMDCDFFAFSGH(LLP)MYG
PTGTGILYGKASVLEQLNPFHGGGEMIDHCTFEKTTYAGLPFRFEAGTPNIAGNIAIGTAVDFMEKVGRSNIAAHEHALL
EYAQRKLLEIEGLKVYGEKANRAGVVSFNLSGIGIASDVGMILDKLGIAVRTGHHCTQPIMEYFGVAGTVRASFAVYNTF
EEIDILTEGVKKAQKMLA
;
_entity_poly.pdbx_strand_id   A
#
# COMPACT_ATOMS: atom_id res chain seq x y z
N MET A 9 12.01 3.69 -22.59
CA MET A 9 13.35 4.00 -22.11
C MET A 9 13.50 3.65 -20.63
N PHE A 10 13.52 2.35 -20.34
CA PHE A 10 13.54 1.82 -18.97
C PHE A 10 14.89 1.13 -18.74
N ASP A 11 15.79 1.80 -18.02
CA ASP A 11 17.14 1.30 -17.76
C ASP A 11 17.21 0.87 -16.29
N ILE A 12 17.16 -0.44 -16.05
CA ILE A 12 17.16 -0.94 -14.68
C ILE A 12 18.39 -0.48 -13.92
N GLN A 13 19.52 -0.34 -14.61
CA GLN A 13 20.75 0.09 -13.93
C GLN A 13 20.70 1.56 -13.57
N GLU A 14 20.10 2.39 -14.41
CA GLU A 14 19.92 3.79 -14.03
C GLU A 14 19.00 3.90 -12.83
N ILE A 15 17.96 3.06 -12.79
CA ILE A 15 17.03 3.08 -11.65
C ILE A 15 17.76 2.69 -10.37
N ARG A 16 18.50 1.58 -10.40
CA ARG A 16 19.16 1.09 -9.19
C ARG A 16 20.21 2.07 -8.69
N SER A 17 20.83 2.82 -9.59
CA SER A 17 21.82 3.81 -9.16
C SER A 17 21.22 4.91 -8.30
N GLN A 18 19.88 5.08 -8.33
CA GLN A 18 19.25 6.11 -7.51
C GLN A 18 19.01 5.67 -6.07
N PHE A 19 19.25 4.40 -5.73
CA PHE A 19 18.92 3.88 -4.41
C PHE A 19 20.19 3.52 -3.65
N PRO A 20 20.71 4.41 -2.80
CA PRO A 20 22.01 4.13 -2.18
C PRO A 20 22.04 2.86 -1.35
N ILE A 21 20.94 2.53 -0.65
CA ILE A 21 20.96 1.34 0.20
C ILE A 21 21.19 0.06 -0.60
N LEU A 22 20.99 0.10 -1.93
CA LEU A 22 21.20 -1.13 -2.69
C LEU A 22 22.65 -1.58 -2.69
N GLN A 23 23.60 -0.67 -2.44
CA GLN A 23 25.01 -1.01 -2.34
C GLN A 23 25.38 -1.62 -0.99
N GLU A 24 24.45 -1.67 -0.05
CA GLU A 24 24.72 -2.18 1.28
C GLU A 24 24.98 -3.68 1.22
N LYS A 25 25.82 -4.17 2.14
CA LYS A 25 26.10 -5.59 2.30
C LYS A 25 25.46 -6.11 3.59
N VAL A 26 25.02 -7.36 3.55
CA VAL A 26 24.37 -7.99 4.70
C VAL A 26 25.01 -9.36 4.91
N ASN A 27 25.50 -9.60 6.14
CA ASN A 27 26.23 -10.84 6.47
C ASN A 27 27.31 -11.14 5.42
N GLY A 28 28.02 -10.09 4.98
CA GLY A 28 29.05 -10.22 3.97
C GLY A 28 28.57 -10.39 2.54
N LYS A 29 27.27 -10.23 2.28
CA LYS A 29 26.69 -10.51 0.98
C LYS A 29 26.01 -9.27 0.41
N ASP A 30 25.90 -9.23 -0.92
CA ASP A 30 25.11 -8.19 -1.56
C ASP A 30 23.68 -8.27 -1.05
N LEU A 31 23.15 -7.12 -0.63
CA LEU A 31 21.76 -7.07 -0.23
C LEU A 31 20.88 -7.43 -1.41
N VAL A 32 19.97 -8.38 -1.20
CA VAL A 32 18.91 -8.70 -2.14
C VAL A 32 17.61 -8.44 -1.40
N TYR A 33 17.05 -7.24 -1.59
CA TYR A 33 15.94 -6.78 -0.77
C TYR A 33 14.63 -7.15 -1.47
N LEU A 34 13.97 -8.19 -0.96
CA LEU A 34 12.70 -8.68 -1.50
C LEU A 34 11.62 -8.67 -0.43
N ASP A 35 11.60 -7.65 0.42
CA ASP A 35 10.59 -7.48 1.45
C ASP A 35 9.86 -6.15 1.24
N ASN A 36 9.64 -5.82 -0.03
CA ASN A 36 9.12 -4.50 -0.37
C ASN A 36 7.67 -4.30 0.07
N ALA A 37 6.89 -5.38 0.18
CA ALA A 37 5.53 -5.26 0.69
C ALA A 37 5.52 -4.86 2.16
N ALA A 38 6.62 -5.09 2.88
CA ALA A 38 6.75 -4.55 4.23
C ALA A 38 7.05 -3.07 4.19
N THR A 39 8.11 -2.68 3.46
CA THR A 39 8.39 -1.28 3.22
C THR A 39 9.36 -1.19 2.04
N SER A 40 9.29 -0.09 1.33
CA SER A 40 10.17 0.10 0.17
C SER A 40 11.41 0.89 0.55
N GLN A 41 12.43 0.79 -0.31
CA GLN A 41 13.65 1.58 -0.21
C GLN A 41 13.47 2.91 -0.96
N LYS A 42 14.39 3.86 -0.71
CA LYS A 42 14.11 5.24 -1.11
C LYS A 42 15.10 5.73 -2.15
N PRO A 43 14.65 6.44 -3.17
CA PRO A 43 15.58 7.02 -4.15
C PRO A 43 16.16 8.34 -3.65
N LYS A 44 17.30 8.71 -4.26
CA LYS A 44 18.04 9.88 -3.79
C LYS A 44 17.22 11.17 -3.88
N MET A 45 16.38 11.29 -4.92
CA MET A 45 15.60 12.53 -5.04
C MET A 45 14.66 12.73 -3.86
N VAL A 46 14.10 11.65 -3.31
CA VAL A 46 13.25 11.79 -2.14
C VAL A 46 14.07 12.20 -0.91
N LEU A 47 15.25 11.59 -0.72
CA LEU A 47 16.08 11.94 0.43
C LEU A 47 16.60 13.36 0.31
N ASP A 48 16.93 13.79 -0.91
CA ASP A 48 17.33 15.18 -1.17
C ASP A 48 16.22 16.16 -0.84
N ALA A 49 14.96 15.79 -1.15
CA ALA A 49 13.83 16.66 -0.81
C ALA A 49 13.72 16.88 0.69
N ILE A 50 13.86 15.81 1.47
CA ILE A 50 13.81 15.93 2.93
C ILE A 50 14.90 16.86 3.41
N ASN A 51 16.13 16.59 2.99
CA ASN A 51 17.29 17.36 3.43
C ASN A 51 17.21 18.81 2.96
N ASN A 52 16.81 19.03 1.70
CA ASN A 52 16.70 20.41 1.21
C ASN A 52 15.66 21.20 1.97
N TYR A 53 14.55 20.56 2.33
CA TYR A 53 13.53 21.23 3.12
C TYR A 53 14.09 21.71 4.45
N TYR A 54 14.77 20.83 5.19
CA TYR A 54 15.26 21.21 6.51
C TYR A 54 16.42 22.19 6.43
N GLU A 55 17.24 22.12 5.38
CA GLU A 55 18.36 23.04 5.32
C GLU A 55 17.99 24.40 4.73
N HIS A 56 16.82 24.55 4.10
CA HIS A 56 16.54 25.81 3.42
C HIS A 56 15.19 26.43 3.71
N TYR A 57 14.16 25.64 4.01
CA TYR A 57 12.81 26.19 4.01
C TYR A 57 12.00 25.90 5.27
N ASN A 58 12.60 25.27 6.28
CA ASN A 58 11.81 24.78 7.41
C ASN A 58 11.21 25.93 8.21
N ALA A 59 9.90 25.89 8.42
CA ALA A 59 9.11 26.86 9.18
C ALA A 59 7.72 26.27 9.33
N ASN A 60 6.93 26.81 10.26
CA ASN A 60 5.59 26.27 10.35
C ASN A 60 4.73 26.85 9.24
N VAL A 61 3.63 26.17 8.94
CA VAL A 61 2.89 26.42 7.71
C VAL A 61 1.51 27.01 8.01
N HIS A 62 0.94 27.64 6.97
CA HIS A 62 -0.40 28.21 6.93
C HIS A 62 -0.58 29.45 7.82
N ARG A 63 -0.27 29.35 9.11
CA ARG A 63 -0.57 30.43 10.04
C ARG A 63 0.38 31.63 9.91
N GLY A 64 1.62 31.43 9.38
CA GLY A 64 2.65 32.43 9.48
C GLY A 64 2.70 33.43 8.34
N ILE A 65 3.36 34.57 8.62
CA ILE A 65 3.44 35.68 7.68
C ILE A 65 4.85 35.90 7.13
N HIS A 66 5.89 35.38 7.77
CA HIS A 66 7.24 35.61 7.28
C HIS A 66 7.58 34.66 6.13
N THR A 67 8.71 34.94 5.47
CA THR A 67 9.00 34.36 4.16
C THR A 67 9.13 32.84 4.22
N LEU A 68 9.95 32.32 5.15
CA LEU A 68 10.12 30.87 5.22
C LEU A 68 8.78 30.17 5.43
N SER A 69 7.92 30.73 6.27
CA SER A 69 6.62 30.12 6.48
C SER A 69 5.79 30.13 5.21
N GLN A 70 5.88 31.21 4.41
CA GLN A 70 5.18 31.24 3.13
C GLN A 70 5.73 30.20 2.16
N VAL A 71 7.05 30.08 2.07
CA VAL A 71 7.64 29.10 1.17
C VAL A 71 7.32 27.68 1.62
N ALA A 72 7.46 27.40 2.92
CA ALA A 72 7.14 26.06 3.42
C ALA A 72 5.68 25.71 3.10
N THR A 73 4.77 26.65 3.31
CA THR A 73 3.35 26.40 3.05
C THR A 73 3.10 26.08 1.59
N GLU A 74 3.70 26.88 0.70
CA GLU A 74 3.52 26.67 -0.74
C GLU A 74 4.07 25.32 -1.18
N MET A 75 5.23 24.93 -0.65
CA MET A 75 5.82 23.65 -1.04
C MET A 75 4.92 22.49 -0.61
N MET A 76 4.33 22.57 0.59
CA MET A 76 3.44 21.49 1.02
C MET A 76 2.19 21.44 0.16
N GLU A 77 1.67 22.62 -0.23
CA GLU A 77 0.50 22.66 -1.09
C GLU A 77 0.83 22.19 -2.50
N ASP A 78 2.04 22.51 -3.00
CA ASP A 78 2.50 21.91 -4.26
C ASP A 78 2.50 20.39 -4.16
N ALA A 79 2.95 19.86 -3.03
CA ALA A 79 2.98 18.40 -2.85
C ALA A 79 1.57 17.82 -2.85
N ARG A 80 0.63 18.50 -2.20
CA ARG A 80 -0.76 18.05 -2.23
C ARG A 80 -1.26 17.96 -3.66
N LYS A 81 -0.91 18.92 -4.52
CA LYS A 81 -1.40 18.89 -5.89
C LYS A 81 -0.72 17.78 -6.69
N LYS A 82 0.53 17.46 -6.38
CA LYS A 82 1.16 16.31 -7.04
C LYS A 82 0.41 15.03 -6.72
N VAL A 83 0.07 14.82 -5.45
CA VAL A 83 -0.68 13.63 -5.06
C VAL A 83 -2.06 13.63 -5.71
N GLN A 84 -2.73 14.79 -5.72
CA GLN A 84 -4.02 14.92 -6.40
C GLN A 84 -3.96 14.42 -7.84
N ARG A 85 -3.01 14.93 -8.61
CA ARG A 85 -2.87 14.48 -10.00
C ARG A 85 -2.47 13.00 -10.08
N PHE A 86 -1.69 12.53 -9.12
CA PHE A 86 -1.24 11.15 -9.09
C PHE A 86 -2.41 10.17 -8.99
N ILE A 87 -3.42 10.47 -8.18
CA ILE A 87 -4.59 9.61 -8.04
C ILE A 87 -5.79 10.13 -8.84
N ASN A 88 -5.61 11.19 -9.63
CA ASN A 88 -6.66 11.83 -10.41
C ASN A 88 -7.86 12.21 -9.54
N ALA A 89 -7.58 12.74 -8.35
CA ALA A 89 -8.63 13.41 -7.58
C ALA A 89 -9.06 14.69 -8.30
N LYS A 90 -10.36 14.97 -8.26
CA LYS A 90 -10.86 16.16 -8.94
C LYS A 90 -10.41 17.44 -8.25
N HIS A 91 -10.27 17.44 -6.92
CA HIS A 91 -9.90 18.66 -6.22
C HIS A 91 -8.71 18.41 -5.32
N ASP A 92 -7.84 19.43 -5.21
CA ASP A 92 -6.73 19.32 -4.26
C ASP A 92 -7.26 19.16 -2.84
N TYR A 93 -8.39 19.81 -2.50
CA TYR A 93 -8.86 19.71 -1.13
C TYR A 93 -9.48 18.37 -0.78
N GLU A 94 -9.59 17.44 -1.73
CA GLU A 94 -9.97 16.07 -1.41
C GLU A 94 -8.78 15.22 -0.97
N VAL A 95 -7.56 15.75 -1.05
CA VAL A 95 -6.35 15.00 -0.70
C VAL A 95 -5.94 15.42 0.71
N LEU A 96 -6.04 14.51 1.67
CA LEU A 96 -5.67 14.79 3.05
C LEU A 96 -4.35 14.10 3.40
N PHE A 97 -3.43 14.85 4.00
CA PHE A 97 -2.19 14.28 4.52
C PHE A 97 -2.45 13.58 5.84
N THR A 98 -1.95 12.36 5.97
CA THR A 98 -2.06 11.64 7.25
C THR A 98 -0.68 11.13 7.60
N LYS A 99 -0.58 10.32 8.65
CA LYS A 99 0.71 9.74 9.02
C LYS A 99 0.84 8.28 8.57
N GLY A 100 -0.12 7.76 7.81
CA GLY A 100 -0.08 6.37 7.39
C GLY A 100 -1.47 5.88 7.07
N THR A 101 -1.52 4.70 6.43
CA THR A 101 -2.82 4.10 6.10
C THR A 101 -3.67 3.90 7.36
N THR A 102 -3.06 3.40 8.42
CA THR A 102 -3.80 3.13 9.64
C THR A 102 -4.46 4.38 10.18
N GLU A 103 -3.78 5.53 10.11
CA GLU A 103 -4.38 6.79 10.55
CA GLU A 103 -4.40 6.78 10.56
C GLU A 103 -5.60 7.14 9.69
N GLY A 104 -5.47 7.00 8.36
CA GLY A 104 -6.60 7.28 7.49
C GLY A 104 -7.80 6.42 7.82
N ILE A 105 -7.56 5.14 8.11
CA ILE A 105 -8.65 4.24 8.48
C ILE A 105 -9.33 4.72 9.74
N ASN A 106 -8.52 5.02 10.78
CA ASN A 106 -9.07 5.45 12.07
C ASN A 106 -9.82 6.76 11.94
N LEU A 107 -9.30 7.66 11.10
CA LEU A 107 -9.98 8.93 10.84
C LEU A 107 -11.40 8.70 10.34
N VAL A 108 -11.56 7.82 9.34
CA VAL A 108 -12.91 7.57 8.84
C VAL A 108 -13.73 6.82 9.87
N ALA A 109 -13.15 5.80 10.52
CA ALA A 109 -13.94 4.99 11.43
C ALA A 109 -14.50 5.82 12.57
N TYR A 110 -13.71 6.76 13.09
CA TYR A 110 -14.19 7.61 14.17
C TYR A 110 -15.21 8.62 13.66
N ALA A 111 -14.98 9.21 12.48
CA ALA A 111 -15.91 10.20 11.96
C ALA A 111 -17.24 9.58 11.53
N MET A 112 -17.28 8.28 11.22
CA MET A 112 -18.55 7.65 10.87
C MET A 112 -19.47 7.46 12.07
N THR A 113 -18.93 7.54 13.29
CA THR A 113 -19.68 7.18 14.49
C THR A 113 -21.07 7.80 14.51
N ASP A 114 -21.16 9.07 14.11
CA ASP A 114 -22.43 9.78 14.16
C ASP A 114 -23.41 9.36 13.06
N LEU A 115 -22.92 8.77 11.96
CA LEU A 115 -23.79 8.37 10.87
C LEU A 115 -24.25 6.92 10.97
N ILE A 116 -23.92 6.21 12.04
CA ILE A 116 -24.24 4.79 12.19
C ILE A 116 -25.17 4.64 13.39
N LYS A 117 -26.35 4.06 13.14
CA LYS A 117 -27.40 3.89 14.14
C LYS A 117 -27.44 2.43 14.63
N LYS A 118 -28.45 2.12 15.43
CA LYS A 118 -28.41 0.99 16.36
C LYS A 118 -28.37 -0.38 15.69
N ASP A 119 -28.72 -0.50 14.41
CA ASP A 119 -28.67 -1.82 13.78
C ASP A 119 -28.20 -1.74 12.34
N ASP A 120 -27.40 -0.74 12.01
CA ASP A 120 -26.76 -0.64 10.71
C ASP A 120 -25.66 -1.70 10.60
N GLU A 121 -25.11 -1.85 9.40
CA GLU A 121 -24.13 -2.89 9.13
C GLU A 121 -22.90 -2.32 8.44
N ILE A 122 -21.74 -2.86 8.80
CA ILE A 122 -20.44 -2.53 8.21
C ILE A 122 -19.87 -3.81 7.63
N ILE A 123 -19.43 -3.76 6.37
CA ILE A 123 -18.85 -4.91 5.69
C ILE A 123 -17.38 -4.63 5.44
N ILE A 124 -16.51 -5.57 5.84
CA ILE A 124 -15.08 -5.46 5.61
C ILE A 124 -14.58 -6.74 4.96
N SER A 125 -13.44 -6.63 4.29
CA SER A 125 -12.79 -7.80 3.73
C SER A 125 -11.94 -8.49 4.79
N TYR A 126 -11.60 -9.77 4.51
CA TYR A 126 -10.89 -10.67 5.43
C TYR A 126 -9.89 -10.02 6.40
N SER A 131 -3.96 -6.09 10.06
CA SER A 131 -4.56 -6.28 11.38
C SER A 131 -5.22 -4.99 11.87
N ASN A 132 -5.55 -4.11 10.92
CA ASN A 132 -6.28 -2.87 11.21
C ASN A 132 -7.79 -3.05 11.10
N ILE A 133 -8.31 -4.20 11.54
CA ILE A 133 -9.75 -4.43 11.58
C ILE A 133 -10.38 -3.96 12.89
N VAL A 134 -9.56 -3.51 13.83
CA VAL A 134 -10.01 -3.00 15.13
C VAL A 134 -10.85 -1.73 14.98
N PRO A 135 -10.44 -0.72 14.18
CA PRO A 135 -11.27 0.50 14.10
C PRO A 135 -12.70 0.23 13.72
N TRP A 136 -12.91 -0.70 12.78
CA TRP A 136 -14.26 -1.08 12.40
C TRP A 136 -14.92 -1.91 13.50
N GLN A 137 -14.15 -2.80 14.14
CA GLN A 137 -14.70 -3.55 15.26
C GLN A 137 -15.04 -2.61 16.41
N MET A 138 -14.22 -1.57 16.61
CA MET A 138 -14.49 -0.59 17.66
C MET A 138 -15.67 0.31 17.28
N LEU A 139 -15.78 0.67 16.00
CA LEU A 139 -16.92 1.47 15.56
C LEU A 139 -18.23 0.73 15.79
N CYS A 140 -18.23 -0.59 15.53
CA CYS A 140 -19.42 -1.39 15.83
C CYS A 140 -19.66 -1.50 17.33
N GLN A 141 -18.60 -1.43 18.14
CA GLN A 141 -18.78 -1.47 19.59
C GLN A 141 -19.43 -0.19 20.10
N ARG A 142 -19.02 0.96 19.55
CA ARG A 142 -19.63 2.23 19.93
C ARG A 142 -21.09 2.29 19.52
N THR A 143 -21.35 2.19 18.23
CA THR A 143 -22.72 2.14 17.73
C THR A 143 -23.34 0.79 18.08
N GLY A 144 -24.56 0.57 17.60
CA GLY A 144 -25.14 -0.76 17.76
C GLY A 144 -24.91 -1.61 16.52
N ALA A 145 -23.90 -1.27 15.73
CA ALA A 145 -23.77 -1.84 14.40
C ALA A 145 -23.20 -3.25 14.44
N LYS A 146 -23.59 -4.06 13.45
CA LYS A 146 -23.09 -5.42 13.27
C LYS A 146 -21.99 -5.42 12.21
N LEU A 147 -20.82 -5.95 12.57
CA LEU A 147 -19.71 -6.10 11.65
C LEU A 147 -19.85 -7.40 10.87
N ARG A 148 -19.63 -7.34 9.56
CA ARG A 148 -19.68 -8.52 8.71
C ARG A 148 -18.40 -8.58 7.87
N VAL A 149 -17.88 -9.78 7.69
CA VAL A 149 -16.57 -9.99 7.08
C VAL A 149 -16.74 -10.82 5.83
N ILE A 150 -16.26 -10.31 4.71
CA ILE A 150 -16.31 -11.09 3.47
C ILE A 150 -15.36 -12.27 3.60
N PRO A 151 -15.82 -13.51 3.39
CA PRO A 151 -14.92 -14.65 3.55
C PRO A 151 -13.90 -14.72 2.43
N MET A 152 -12.79 -15.41 2.72
CA MET A 152 -11.80 -15.75 1.72
C MET A 152 -11.99 -17.19 1.28
N ASN A 153 -11.86 -17.44 -0.02
CA ASN A 153 -11.85 -18.80 -0.56
C ASN A 153 -10.50 -19.47 -0.28
N GLU A 154 -10.40 -20.75 -0.64
CA GLU A 154 -9.16 -21.48 -0.42
C GLU A 154 -7.99 -20.83 -1.15
N ASP A 155 -8.20 -20.42 -2.40
CA ASP A 155 -7.15 -19.87 -3.24
C ASP A 155 -6.78 -18.43 -2.88
N GLY A 156 -7.28 -17.90 -1.76
CA GLY A 156 -6.94 -16.57 -1.33
C GLY A 156 -7.80 -15.45 -1.87
N THR A 157 -8.75 -15.74 -2.76
CA THR A 157 -9.61 -14.69 -3.33
C THR A 157 -10.81 -14.44 -2.43
N LEU A 158 -11.42 -13.25 -2.58
CA LEU A 158 -12.60 -12.90 -1.82
C LEU A 158 -13.84 -13.60 -2.38
N GLN A 159 -14.73 -14.01 -1.48
CA GLN A 159 -16.04 -14.56 -1.88
C GLN A 159 -17.02 -13.38 -1.98
N ILE A 160 -16.88 -12.62 -3.05
CA ILE A 160 -17.59 -11.34 -3.13
C ILE A 160 -19.06 -11.50 -3.46
N ASP A 161 -19.48 -12.67 -3.92
CA ASP A 161 -20.89 -12.88 -4.21
C ASP A 161 -21.74 -12.92 -2.94
N VAL A 162 -21.11 -12.97 -1.75
CA VAL A 162 -21.86 -12.83 -0.52
C VAL A 162 -22.52 -11.46 -0.43
N LEU A 163 -21.95 -10.44 -1.10
CA LEU A 163 -22.55 -9.11 -1.08
C LEU A 163 -23.95 -9.12 -1.67
N ASP A 164 -24.22 -10.04 -2.60
CA ASP A 164 -25.55 -10.12 -3.21
C ASP A 164 -26.64 -10.37 -2.17
N GLU A 165 -26.30 -11.04 -1.07
CA GLU A 165 -27.26 -11.27 0.02
C GLU A 165 -27.13 -10.28 1.17
N TRP A 166 -25.91 -9.76 1.44
CA TRP A 166 -25.70 -8.91 2.60
C TRP A 166 -26.09 -7.45 2.37
N LEU A 167 -25.93 -6.93 1.16
CA LEU A 167 -26.16 -5.51 0.93
C LEU A 167 -27.65 -5.17 1.10
N SER A 168 -27.93 -4.10 1.83
CA SER A 168 -29.31 -3.67 2.05
C SER A 168 -29.31 -2.20 2.46
N GLU A 169 -30.49 -1.69 2.82
CA GLU A 169 -30.58 -0.35 3.40
C GLU A 169 -29.82 -0.23 4.70
N LYS A 170 -29.47 -1.35 5.32
CA LYS A 170 -28.71 -1.33 6.56
C LYS A 170 -27.22 -1.07 6.33
N THR A 171 -26.71 -1.34 5.12
CA THR A 171 -25.27 -1.25 4.86
C THR A 171 -24.83 0.20 4.77
N LYS A 172 -23.99 0.64 5.70
CA LYS A 172 -23.55 2.03 5.71
C LYS A 172 -22.11 2.23 5.28
N LEU A 173 -21.27 1.20 5.37
CA LEU A 173 -19.89 1.33 4.97
C LEU A 173 -19.35 -0.03 4.56
N VAL A 174 -18.64 -0.05 3.45
CA VAL A 174 -17.95 -1.24 2.94
C VAL A 174 -16.50 -0.86 2.79
N SER A 175 -15.62 -1.66 3.38
CA SER A 175 -14.19 -1.39 3.33
C SER A 175 -13.46 -2.61 2.78
N VAL A 176 -12.70 -2.41 1.71
CA VAL A 176 -12.01 -3.49 1.03
C VAL A 176 -10.59 -3.05 0.74
N ASN A 177 -9.61 -3.95 0.94
CA ASN A 177 -8.26 -3.69 0.47
C ASN A 177 -8.17 -4.00 -1.03
N GLN A 178 -7.51 -3.11 -1.78
CA GLN A 178 -7.42 -3.30 -3.22
C GLN A 178 -6.46 -4.43 -3.56
N VAL A 179 -5.37 -4.56 -2.80
CA VAL A 179 -4.40 -5.63 -2.95
C VAL A 179 -4.15 -6.23 -1.58
N SER A 180 -4.19 -7.57 -1.49
CA SER A 180 -3.93 -8.21 -0.20
C SER A 180 -2.43 -8.15 0.12
N ASN A 181 -2.11 -7.87 1.38
CA ASN A 181 -0.70 -7.67 1.72
C ASN A 181 0.05 -8.98 1.89
N ALA A 182 -0.63 -10.05 2.31
CA ALA A 182 0.04 -11.33 2.54
C ALA A 182 0.34 -12.05 1.23
N LEU A 183 -0.63 -12.11 0.33
CA LEU A 183 -0.49 -12.86 -0.91
C LEU A 183 -0.35 -11.98 -2.15
N GLY A 184 -0.62 -10.67 -2.04
CA GLY A 184 -0.56 -9.81 -3.20
C GLY A 184 -1.72 -9.95 -4.17
N ILE A 185 -2.81 -10.58 -3.75
CA ILE A 185 -3.93 -10.80 -4.66
C ILE A 185 -4.63 -9.48 -4.96
N VAL A 186 -4.85 -9.22 -6.24
CA VAL A 186 -5.59 -8.03 -6.66
C VAL A 186 -7.09 -8.33 -6.55
N ASN A 187 -7.75 -7.66 -5.65
CA ASN A 187 -9.17 -7.92 -5.46
C ASN A 187 -10.00 -7.22 -6.53
N PRO A 188 -11.17 -7.76 -6.88
CA PRO A 188 -11.95 -7.17 -7.98
C PRO A 188 -12.75 -5.95 -7.52
N ILE A 189 -12.00 -4.85 -7.33
CA ILE A 189 -12.57 -3.62 -6.75
C ILE A 189 -13.70 -3.05 -7.61
N ASP A 190 -13.55 -3.08 -8.94
CA ASP A 190 -14.57 -2.44 -9.78
C ASP A 190 -15.88 -3.20 -9.75
N GLU A 191 -15.80 -4.53 -9.73
CA GLU A 191 -17.00 -5.34 -9.58
C GLU A 191 -17.64 -5.16 -8.20
N ILE A 192 -16.81 -5.08 -7.15
CA ILE A 192 -17.33 -4.87 -5.79
C ILE A 192 -18.06 -3.54 -5.69
N ILE A 193 -17.43 -2.46 -6.16
CA ILE A 193 -18.04 -1.12 -6.09
C ILE A 193 -19.34 -1.09 -6.88
N ARG A 194 -19.35 -1.67 -8.08
CA ARG A 194 -20.58 -1.76 -8.86
C ARG A 194 -21.68 -2.44 -8.05
N LYS A 195 -21.37 -3.57 -7.41
CA LYS A 195 -22.36 -4.24 -6.58
C LYS A 195 -22.81 -3.36 -5.41
N VAL A 196 -21.86 -2.69 -4.75
CA VAL A 196 -22.22 -1.89 -3.58
C VAL A 196 -23.08 -0.69 -3.98
N ARG A 197 -22.78 -0.04 -5.12
CA ARG A 197 -23.59 1.08 -5.58
C ARG A 197 -24.98 0.63 -5.98
N ALA A 198 -25.10 -0.57 -6.58
CA ALA A 198 -26.39 -1.00 -7.11
C ALA A 198 -27.35 -1.42 -6.01
N LYS A 199 -26.84 -1.93 -4.89
CA LYS A 199 -27.68 -2.59 -3.91
C LYS A 199 -27.60 -1.95 -2.52
N SER A 200 -27.03 -0.76 -2.40
CA SER A 200 -26.91 -0.12 -1.10
C SER A 200 -26.58 1.35 -1.30
N ASN A 201 -26.74 2.11 -0.21
CA ASN A 201 -26.26 3.49 -0.12
C ASN A 201 -25.02 3.60 0.77
N ALA A 202 -24.26 2.51 0.88
CA ALA A 202 -23.07 2.50 1.73
C ALA A 202 -21.96 3.39 1.17
N PHE A 203 -21.17 3.95 2.07
CA PHE A 203 -19.88 4.52 1.68
C PHE A 203 -18.90 3.40 1.37
N ILE A 204 -17.98 3.68 0.44
CA ILE A 204 -17.00 2.69 -0.01
C ILE A 204 -15.60 3.17 0.36
N PHE A 205 -14.94 2.43 1.25
CA PHE A 205 -13.57 2.74 1.65
C PHE A 205 -12.63 1.74 1.01
N ILE A 206 -11.68 2.23 0.21
CA ILE A 206 -10.68 1.38 -0.42
C ILE A 206 -9.32 1.63 0.25
N ASP A 207 -8.75 0.60 0.84
CA ASP A 207 -7.37 0.58 1.32
C ASP A 207 -6.45 0.25 0.14
N GLY A 208 -5.77 1.27 -0.39
CA GLY A 208 -4.86 1.07 -1.50
C GLY A 208 -3.39 1.04 -1.13
N ALA A 209 -3.08 0.74 0.14
CA ALA A 209 -1.68 0.78 0.58
C ALA A 209 -0.79 -0.11 -0.27
N GLN A 210 -1.26 -1.29 -0.62
CA GLN A 210 -0.47 -2.21 -1.42
C GLN A 210 -0.72 -2.04 -2.91
N ALA A 211 -1.63 -1.15 -3.29
CA ALA A 211 -1.92 -0.89 -4.69
C ALA A 211 -1.15 0.31 -5.23
N ALA A 212 -1.09 1.40 -4.47
CA ALA A 212 -0.48 2.63 -4.97
C ALA A 212 0.98 2.48 -5.40
N PRO A 213 1.82 1.60 -4.81
CA PRO A 213 3.19 1.46 -5.32
C PRO A 213 3.29 0.73 -6.65
N HIS A 214 2.20 0.10 -7.13
CA HIS A 214 2.34 -0.90 -8.17
C HIS A 214 1.58 -0.64 -9.46
N PHE A 215 0.46 0.07 -9.42
CA PHE A 215 -0.21 0.39 -10.67
C PHE A 215 -1.03 1.66 -10.51
N GLU A 216 -1.40 2.22 -11.65
CA GLU A 216 -1.99 3.56 -11.67
C GLU A 216 -3.34 3.56 -10.97
N ILE A 217 -3.61 4.63 -10.23
CA ILE A 217 -4.86 4.83 -9.50
C ILE A 217 -5.60 6.00 -10.13
N ASP A 218 -6.90 5.82 -10.39
CA ASP A 218 -7.78 6.89 -10.86
C ASP A 218 -9.05 6.80 -10.00
N VAL A 219 -9.10 7.61 -8.94
CA VAL A 219 -10.21 7.54 -8.00
C VAL A 219 -11.50 8.03 -8.63
N GLN A 220 -11.43 8.84 -9.70
CA GLN A 220 -12.66 9.29 -10.35
C GLN A 220 -13.31 8.15 -11.11
N THR A 221 -12.53 7.39 -11.90
CA THR A 221 -13.14 6.23 -12.56
C THR A 221 -13.40 5.10 -11.56
N MET A 222 -12.58 4.98 -10.51
CA MET A 222 -12.82 3.95 -9.51
C MET A 222 -14.11 4.20 -8.74
N ASP A 223 -14.50 5.46 -8.58
CA ASP A 223 -15.71 5.82 -7.84
C ASP A 223 -15.69 5.31 -6.40
N CYS A 224 -14.51 5.24 -5.78
CA CYS A 224 -14.47 5.03 -4.34
C CYS A 224 -14.91 6.30 -3.62
N ASP A 225 -15.42 6.14 -2.40
CA ASP A 225 -15.68 7.32 -1.58
C ASP A 225 -14.45 7.76 -0.79
N PHE A 226 -13.60 6.78 -0.41
CA PHE A 226 -12.33 7.03 0.26
C PHE A 226 -11.28 6.14 -0.37
N PHE A 227 -10.03 6.64 -0.38
CA PHE A 227 -8.90 5.86 -0.86
C PHE A 227 -7.70 6.21 0.00
N ALA A 228 -7.09 5.22 0.65
CA ALA A 228 -6.02 5.48 1.61
C ALA A 228 -4.75 4.70 1.25
N PHE A 229 -3.59 5.32 1.44
CA PHE A 229 -2.33 4.63 1.16
C PHE A 229 -1.21 5.27 1.96
N SER A 230 -0.05 4.61 1.91
CA SER A 230 1.08 4.88 2.80
C SER A 230 2.28 5.30 1.98
N GLY A 231 2.97 6.36 2.42
CA GLY A 231 4.13 6.80 1.68
C GLY A 231 5.30 5.81 1.75
N HIS A 232 5.46 5.15 2.90
CA HIS A 232 6.66 4.32 3.03
C HIS A 232 6.64 3.10 2.11
N MET A 234 5.65 3.27 -1.02
CA MET A 234 5.79 3.76 -2.39
C MET A 234 6.92 4.78 -2.51
N TYR A 235 8.09 4.41 -2.01
CA TYR A 235 9.36 5.12 -2.18
C TYR A 235 9.42 6.42 -1.40
N GLY A 236 8.51 6.65 -0.44
CA GLY A 236 8.49 7.85 0.37
C GLY A 236 8.89 7.59 1.82
N PRO A 237 8.97 8.64 2.63
CA PRO A 237 9.44 8.47 4.01
C PRO A 237 8.40 7.80 4.89
N THR A 238 8.88 7.23 6.01
CA THR A 238 7.98 6.77 7.03
C THR A 238 7.20 7.94 7.61
N GLY A 239 6.10 7.64 8.30
CA GLY A 239 5.31 8.68 8.93
C GLY A 239 4.45 9.47 7.97
N THR A 240 4.21 8.98 6.76
CA THR A 240 3.39 9.69 5.78
C THR A 240 2.32 8.79 5.19
N GLY A 241 1.21 9.41 4.84
CA GLY A 241 0.19 8.72 4.09
C GLY A 241 -0.75 9.74 3.52
N ILE A 242 -1.77 9.23 2.85
CA ILE A 242 -2.77 10.04 2.19
C ILE A 242 -4.12 9.42 2.47
N LEU A 243 -5.12 10.24 2.74
CA LEU A 243 -6.51 9.83 2.70
C LEU A 243 -7.22 10.73 1.70
N TYR A 244 -7.64 10.17 0.57
CA TYR A 244 -8.52 10.85 -0.35
C TYR A 244 -9.96 10.58 0.03
N GLY A 245 -10.81 11.60 -0.09
CA GLY A 245 -12.24 11.39 -0.01
C GLY A 245 -13.01 12.29 -0.95
N LYS A 246 -14.06 11.78 -1.61
CA LYS A 246 -14.98 12.64 -2.34
C LYS A 246 -15.39 13.82 -1.49
N ALA A 247 -15.30 15.03 -2.06
CA ALA A 247 -15.71 16.23 -1.31
C ALA A 247 -17.13 16.07 -0.77
N SER A 248 -18.03 15.52 -1.58
CA SER A 248 -19.41 15.38 -1.15
C SER A 248 -19.55 14.42 0.04
N VAL A 249 -18.60 13.52 0.22
CA VAL A 249 -18.64 12.60 1.36
C VAL A 249 -17.92 13.18 2.57
N LEU A 250 -16.75 13.78 2.35
CA LEU A 250 -16.03 14.44 3.44
C LEU A 250 -16.90 15.46 4.14
N GLU A 251 -17.69 16.22 3.37
CA GLU A 251 -18.57 17.24 3.92
C GLU A 251 -19.72 16.66 4.72
N GLN A 252 -19.91 15.34 4.73
CA GLN A 252 -20.93 14.73 5.58
C GLN A 252 -20.36 14.25 6.91
N LEU A 253 -19.03 14.20 7.04
CA LEU A 253 -18.37 13.78 8.28
C LEU A 253 -18.13 14.98 9.19
N ASN A 254 -17.58 14.71 10.38
CA ASN A 254 -17.22 15.77 11.32
C ASN A 254 -16.10 15.31 12.26
N LEU A 276 -12.21 22.40 4.52
CA LEU A 276 -11.53 21.40 3.67
C LEU A 276 -10.29 21.99 2.99
N PRO A 277 -9.15 21.28 3.07
CA PRO A 277 -8.89 20.01 3.76
C PRO A 277 -8.51 20.20 5.23
N PHE A 278 -8.45 21.46 5.67
CA PHE A 278 -7.89 21.76 6.99
C PHE A 278 -8.71 21.15 8.12
N ARG A 279 -10.02 20.95 7.91
CA ARG A 279 -10.88 20.36 8.93
C ARG A 279 -10.38 19.00 9.40
N PHE A 280 -9.69 18.25 8.53
CA PHE A 280 -9.26 16.91 8.86
C PHE A 280 -7.75 16.82 9.11
N GLU A 281 -7.07 17.94 9.27
CA GLU A 281 -5.61 17.97 9.48
C GLU A 281 -5.30 18.81 10.72
N ALA A 282 -5.25 18.16 11.88
CA ALA A 282 -5.09 18.84 13.16
C ALA A 282 -3.66 18.74 13.67
N GLY A 283 -3.24 19.76 14.41
CA GLY A 283 -1.88 19.83 14.90
C GLY A 283 -0.90 20.17 13.78
N THR A 284 0.36 20.32 14.16
CA THR A 284 1.37 20.62 13.14
C THR A 284 1.46 19.46 12.16
N PRO A 285 1.31 19.70 10.86
CA PRO A 285 1.51 18.63 9.88
C PRO A 285 2.95 18.17 9.87
N ASN A 286 3.15 16.97 9.33
CA ASN A 286 4.48 16.46 9.01
C ASN A 286 4.92 17.09 7.69
N ILE A 287 5.40 18.34 7.78
CA ILE A 287 5.63 19.16 6.60
C ILE A 287 6.65 18.51 5.67
N ALA A 288 7.79 18.12 6.24
CA ALA A 288 8.86 17.49 5.47
C ALA A 288 8.37 16.21 4.80
N GLY A 289 7.69 15.36 5.56
CA GLY A 289 7.19 14.11 5.00
C GLY A 289 6.17 14.34 3.89
N ASN A 290 5.29 15.33 4.05
CA ASN A 290 4.31 15.62 3.00
C ASN A 290 4.99 16.15 1.74
N ILE A 291 5.99 17.02 1.89
CA ILE A 291 6.76 17.45 0.73
C ILE A 291 7.42 16.26 0.06
N ALA A 292 8.00 15.35 0.86
CA ALA A 292 8.77 14.25 0.31
C ALA A 292 7.88 13.18 -0.33
N ILE A 293 6.64 13.00 0.15
CA ILE A 293 5.76 12.05 -0.54
C ILE A 293 5.38 12.62 -1.91
N GLY A 294 5.34 13.94 -2.07
CA GLY A 294 5.21 14.51 -3.41
C GLY A 294 6.41 14.18 -4.29
N THR A 295 7.61 14.18 -3.70
CA THR A 295 8.80 13.82 -4.45
C THR A 295 8.80 12.34 -4.81
N ALA A 296 8.23 11.50 -3.95
CA ALA A 296 8.06 10.08 -4.31
C ALA A 296 7.09 9.91 -5.46
N VAL A 297 6.05 10.74 -5.52
CA VAL A 297 5.17 10.77 -6.69
C VAL A 297 5.97 11.17 -7.93
N ASP A 298 6.81 12.21 -7.80
CA ASP A 298 7.66 12.65 -8.90
C ASP A 298 8.53 11.50 -9.41
N PHE A 299 9.09 10.71 -8.49
CA PHE A 299 9.95 9.60 -8.87
C PHE A 299 9.19 8.58 -9.70
N MET A 300 8.01 8.19 -9.23
CA MET A 300 7.19 7.25 -9.98
C MET A 300 6.78 7.81 -11.32
N GLU A 301 6.38 9.09 -11.39
CA GLU A 301 6.04 9.67 -12.69
C GLU A 301 7.26 9.74 -13.60
N LYS A 302 8.44 9.99 -13.02
CA LYS A 302 9.65 10.02 -13.84
C LYS A 302 9.95 8.65 -14.41
N VAL A 303 9.86 7.60 -13.60
CA VAL A 303 10.08 6.25 -14.12
C VAL A 303 9.00 5.89 -15.12
N GLY A 304 7.74 6.15 -14.77
CA GLY A 304 6.66 5.73 -15.63
C GLY A 304 5.86 4.62 -15.00
N ARG A 305 4.59 4.89 -14.69
CA ARG A 305 3.78 3.94 -13.93
C ARG A 305 3.49 2.68 -14.73
N SER A 306 3.31 2.82 -16.04
CA SER A 306 3.18 1.62 -16.86
C SER A 306 4.49 0.85 -16.91
N ASN A 307 5.63 1.54 -16.93
CA ASN A 307 6.91 0.85 -16.91
C ASN A 307 7.11 0.09 -15.61
N ILE A 308 6.68 0.67 -14.49
CA ILE A 308 6.83 -0.03 -13.22
C ILE A 308 5.97 -1.28 -13.23
N ALA A 309 4.71 -1.15 -13.64
CA ALA A 309 3.82 -2.31 -13.67
C ALA A 309 4.38 -3.40 -14.57
N ALA A 310 4.90 -3.03 -15.74
CA ALA A 310 5.40 -4.02 -16.68
C ALA A 310 6.62 -4.74 -16.13
N HIS A 311 7.58 -3.98 -15.60
CA HIS A 311 8.78 -4.59 -15.06
C HIS A 311 8.45 -5.51 -13.90
N GLU A 312 7.54 -5.08 -13.01
CA GLU A 312 7.20 -5.88 -11.84
C GLU A 312 6.42 -7.11 -12.23
N HIS A 313 5.52 -7.00 -13.21
CA HIS A 313 4.82 -8.17 -13.69
C HIS A 313 5.79 -9.19 -14.28
N ALA A 314 6.85 -8.73 -14.96
CA ALA A 314 7.82 -9.68 -15.51
C ALA A 314 8.66 -10.32 -14.40
N LEU A 315 9.00 -9.54 -13.37
CA LEU A 315 9.70 -10.12 -12.22
C LEU A 315 8.87 -11.21 -11.57
N LEU A 316 7.58 -10.94 -11.38
CA LEU A 316 6.69 -11.87 -10.71
C LEU A 316 6.56 -13.17 -11.50
N GLU A 317 6.29 -13.06 -12.80
CA GLU A 317 6.15 -14.26 -13.62
C GLU A 317 7.44 -15.08 -13.62
N TYR A 318 8.60 -14.42 -13.73
CA TYR A 318 9.87 -15.12 -13.75
C TYR A 318 10.12 -15.83 -12.42
N ALA A 319 9.91 -15.12 -11.31
CA ALA A 319 10.16 -15.72 -10.00
C ALA A 319 9.24 -16.91 -9.76
N GLN A 320 7.95 -16.76 -10.03
CA GLN A 320 7.02 -17.87 -9.83
C GLN A 320 7.40 -19.05 -10.70
N ARG A 321 7.83 -18.79 -11.93
CA ARG A 321 8.27 -19.87 -12.80
C ARG A 321 9.50 -20.58 -12.23
N LYS A 322 10.52 -19.81 -11.85
CA LYS A 322 11.73 -20.45 -11.37
C LYS A 322 11.51 -21.15 -10.03
N LEU A 323 10.65 -20.59 -9.18
CA LEU A 323 10.43 -21.20 -7.86
C LEU A 323 9.69 -22.52 -8.01
N LEU A 324 8.72 -22.58 -8.92
CA LEU A 324 7.93 -23.79 -9.10
C LEU A 324 8.75 -24.93 -9.71
N GLU A 325 9.95 -24.67 -10.21
CA GLU A 325 10.83 -25.75 -10.63
C GLU A 325 11.45 -26.48 -9.44
N ILE A 326 11.52 -25.84 -8.28
CA ILE A 326 11.99 -26.53 -7.08
C ILE A 326 10.95 -27.57 -6.69
N GLU A 327 11.40 -28.81 -6.52
CA GLU A 327 10.48 -29.90 -6.18
C GLU A 327 9.85 -29.67 -4.82
N GLY A 328 8.54 -29.86 -4.74
CA GLY A 328 7.81 -29.73 -3.49
C GLY A 328 7.42 -28.31 -3.10
N LEU A 329 7.89 -27.29 -3.80
CA LEU A 329 7.50 -25.92 -3.49
C LEU A 329 6.09 -25.64 -4.00
N LYS A 330 5.26 -25.06 -3.14
CA LYS A 330 3.91 -24.64 -3.50
C LYS A 330 3.82 -23.12 -3.46
N VAL A 331 3.09 -22.54 -4.43
CA VAL A 331 2.86 -21.10 -4.51
C VAL A 331 1.40 -20.82 -4.20
N TYR A 332 1.14 -20.02 -3.17
CA TYR A 332 -0.21 -19.70 -2.77
C TYR A 332 -0.81 -18.66 -3.70
N GLY A 333 -2.08 -18.84 -4.05
CA GLY A 333 -2.69 -17.96 -5.04
C GLY A 333 -1.97 -18.00 -6.37
N GLU A 334 -1.51 -19.19 -6.77
CA GLU A 334 -0.66 -19.32 -7.95
C GLU A 334 -1.39 -18.85 -9.20
N LYS A 335 -2.64 -19.24 -9.36
CA LYS A 335 -3.39 -18.87 -10.55
C LYS A 335 -4.00 -17.47 -10.44
N ALA A 336 -3.86 -16.79 -9.31
CA ALA A 336 -4.56 -15.52 -9.12
C ALA A 336 -3.77 -14.37 -9.73
N ASN A 337 -4.50 -13.32 -10.11
CA ASN A 337 -3.91 -12.05 -10.51
C ASN A 337 -3.30 -11.37 -9.29
N ARG A 338 -1.99 -11.11 -9.32
CA ARG A 338 -1.28 -10.64 -8.14
C ARG A 338 -0.36 -9.49 -8.49
N ALA A 339 -0.10 -8.65 -7.49
CA ALA A 339 0.74 -7.47 -7.63
C ALA A 339 1.96 -7.65 -6.74
N GLY A 340 3.08 -7.99 -7.37
CA GLY A 340 4.40 -7.87 -6.77
C GLY A 340 4.74 -8.82 -5.63
N VAL A 341 4.00 -9.91 -5.45
CA VAL A 341 4.20 -10.78 -4.30
C VAL A 341 4.16 -12.24 -4.75
N VAL A 342 5.21 -13.00 -4.46
CA VAL A 342 5.21 -14.47 -4.54
C VAL A 342 5.29 -15.02 -3.13
N SER A 343 4.26 -15.72 -2.70
CA SER A 343 4.26 -16.42 -1.42
C SER A 343 4.38 -17.91 -1.67
N PHE A 344 5.18 -18.58 -0.86
CA PHE A 344 5.45 -20.00 -1.08
C PHE A 344 5.84 -20.68 0.22
N ASN A 345 5.78 -22.01 0.19
CA ASN A 345 6.22 -22.84 1.29
C ASN A 345 6.94 -24.04 0.69
N LEU A 346 7.96 -24.54 1.40
CA LEU A 346 8.63 -25.77 1.02
C LEU A 346 7.92 -26.96 1.66
N SER A 347 7.99 -28.11 0.97
CA SER A 347 7.11 -29.23 1.30
C SER A 347 7.38 -29.77 2.70
N GLY A 348 8.64 -30.09 3.00
CA GLY A 348 8.99 -30.70 4.27
C GLY A 348 9.55 -29.79 5.32
N ILE A 349 9.42 -28.48 5.17
CA ILE A 349 9.97 -27.50 6.11
C ILE A 349 8.80 -26.75 6.75
N GLY A 350 8.69 -26.87 8.07
CA GLY A 350 7.59 -26.26 8.80
C GLY A 350 7.81 -24.83 9.19
N ILE A 351 8.79 -24.56 10.05
CA ILE A 351 9.12 -23.21 10.43
C ILE A 351 9.67 -22.50 9.21
N ALA A 352 8.84 -21.65 8.58
CA ALA A 352 9.29 -20.86 7.45
C ALA A 352 10.46 -19.96 7.85
N SER A 353 10.54 -19.58 9.12
CA SER A 353 11.66 -18.76 9.58
C SER A 353 12.99 -19.48 9.42
N ASP A 354 13.00 -20.81 9.51
CA ASP A 354 14.21 -21.57 9.23
C ASP A 354 14.74 -21.27 7.84
N VAL A 355 13.84 -21.21 6.86
CA VAL A 355 14.25 -20.83 5.51
C VAL A 355 14.61 -19.35 5.47
N GLY A 356 13.87 -18.51 6.19
CA GLY A 356 14.16 -17.09 6.17
C GLY A 356 15.52 -16.77 6.72
N MET A 357 15.95 -17.51 7.76
CA MET A 357 17.24 -17.25 8.38
C MET A 357 18.38 -17.65 7.46
N ILE A 358 18.25 -18.81 6.81
CA ILE A 358 19.25 -19.21 5.80
C ILE A 358 19.32 -18.17 4.69
N LEU A 359 18.16 -17.72 4.19
CA LEU A 359 18.15 -16.71 3.14
C LEU A 359 18.81 -15.41 3.60
N ASP A 360 18.54 -14.98 4.83
CA ASP A 360 19.18 -13.77 5.34
C ASP A 360 20.69 -13.92 5.40
N LYS A 361 21.20 -15.09 5.82
CA LYS A 361 22.65 -15.27 5.81
C LYS A 361 23.21 -15.19 4.39
N LEU A 362 22.41 -15.45 3.36
CA LEU A 362 22.83 -15.27 1.98
C LEU A 362 22.61 -13.84 1.48
N GLY A 363 22.22 -12.93 2.36
CA GLY A 363 21.94 -11.56 1.96
C GLY A 363 20.52 -11.29 1.51
N ILE A 364 19.65 -12.30 1.47
CA ILE A 364 18.32 -12.16 0.88
C ILE A 364 17.31 -11.82 1.97
N ALA A 365 16.59 -10.71 1.80
CA ALA A 365 15.57 -10.28 2.77
C ALA A 365 14.18 -10.60 2.23
N VAL A 366 13.47 -11.50 2.91
CA VAL A 366 12.08 -11.86 2.61
C VAL A 366 11.33 -11.87 3.93
N ARG A 367 10.01 -12.00 3.84
CA ARG A 367 9.15 -12.05 5.02
C ARG A 367 8.85 -13.51 5.37
N THR A 368 9.09 -13.88 6.63
CA THR A 368 8.67 -15.18 7.17
C THR A 368 8.02 -15.00 8.54
N GLY A 384 3.02 -19.77 8.00
CA GLY A 384 4.26 -20.52 7.89
C GLY A 384 4.81 -20.56 6.48
N THR A 385 4.75 -19.42 5.79
CA THR A 385 5.14 -19.32 4.39
C THR A 385 6.22 -18.25 4.21
N VAL A 386 6.88 -18.28 3.06
CA VAL A 386 7.92 -17.32 2.69
C VAL A 386 7.34 -16.38 1.65
N ARG A 387 7.48 -15.06 1.90
CA ARG A 387 6.91 -14.02 1.05
C ARG A 387 8.04 -13.21 0.44
N ALA A 388 8.24 -13.34 -0.86
CA ALA A 388 9.13 -12.47 -1.61
C ALA A 388 8.29 -11.42 -2.33
N SER A 389 8.69 -10.16 -2.24
CA SER A 389 7.91 -9.08 -2.81
C SER A 389 8.83 -8.10 -3.52
N PHE A 390 8.37 -7.59 -4.66
CA PHE A 390 9.21 -6.86 -5.60
C PHE A 390 8.88 -5.38 -5.63
N ALA A 391 9.91 -4.58 -5.91
CA ALA A 391 9.79 -3.16 -6.21
C ALA A 391 10.52 -2.91 -7.52
N VAL A 392 10.56 -1.64 -7.94
CA VAL A 392 11.02 -1.31 -9.29
C VAL A 392 12.50 -1.59 -9.48
N TYR A 393 13.29 -1.57 -8.40
CA TYR A 393 14.73 -1.72 -8.52
C TYR A 393 15.19 -3.18 -8.51
N ASN A 394 14.30 -4.13 -8.30
CA ASN A 394 14.70 -5.53 -8.27
C ASN A 394 14.96 -6.06 -9.68
N THR A 395 15.79 -7.10 -9.76
CA THR A 395 16.29 -7.59 -11.03
C THR A 395 16.04 -9.09 -11.19
N PHE A 396 16.07 -9.55 -12.44
CA PHE A 396 16.02 -10.99 -12.68
C PHE A 396 17.23 -11.70 -12.07
N GLU A 397 18.40 -11.05 -12.09
CA GLU A 397 19.56 -11.64 -11.44
C GLU A 397 19.32 -11.86 -9.95
N GLU A 398 18.58 -10.95 -9.32
CA GLU A 398 18.27 -11.13 -7.91
C GLU A 398 17.33 -12.29 -7.68
N ILE A 399 16.39 -12.53 -8.62
CA ILE A 399 15.49 -13.67 -8.47
C ILE A 399 16.26 -14.99 -8.57
N ASP A 400 17.26 -15.06 -9.46
CA ASP A 400 18.08 -16.27 -9.52
C ASP A 400 18.81 -16.50 -8.21
N ILE A 401 19.29 -15.43 -7.57
CA ILE A 401 19.94 -15.55 -6.27
C ILE A 401 18.96 -16.08 -5.24
N LEU A 402 17.70 -15.61 -5.30
CA LEU A 402 16.65 -16.11 -4.42
C LEU A 402 16.40 -17.60 -4.66
N THR A 403 16.24 -17.98 -5.92
CA THR A 403 15.91 -19.37 -6.24
C THR A 403 17.02 -20.32 -5.83
N GLU A 404 18.28 -19.97 -6.13
CA GLU A 404 19.39 -20.81 -5.69
C GLU A 404 19.48 -20.83 -4.17
N GLY A 405 19.15 -19.72 -3.52
CA GLY A 405 19.13 -19.70 -2.06
C GLY A 405 18.08 -20.62 -1.48
N VAL A 406 16.90 -20.69 -2.12
CA VAL A 406 15.84 -21.54 -1.60
C VAL A 406 16.20 -23.01 -1.76
N LYS A 407 16.75 -23.38 -2.92
CA LYS A 407 17.25 -24.74 -3.10
C LYS A 407 18.29 -25.10 -2.05
N LYS A 408 19.22 -24.18 -1.78
CA LYS A 408 20.27 -24.46 -0.80
C LYS A 408 19.67 -24.64 0.60
N ALA A 409 18.68 -23.81 0.93
CA ALA A 409 18.02 -23.91 2.24
C ALA A 409 17.39 -25.28 2.45
N GLN A 410 16.68 -25.77 1.45
CA GLN A 410 15.94 -27.02 1.62
C GLN A 410 16.87 -28.20 1.84
N LYS A 411 18.00 -28.26 1.12
CA LYS A 411 18.94 -29.35 1.40
C LYS A 411 19.71 -29.10 2.68
N MET A 412 19.96 -27.85 3.06
CA MET A 412 20.55 -27.58 4.37
C MET A 412 19.63 -28.08 5.48
N LEU A 413 18.32 -27.93 5.30
CA LEU A 413 17.36 -28.30 6.32
C LEU A 413 16.91 -29.75 6.26
N ALA A 414 17.23 -30.47 5.18
CA ALA A 414 16.93 -31.90 5.11
C ALA A 414 17.64 -32.67 6.22
#